data_8X8J
#
_entry.id   8X8J
#
_cell.length_a   116.699
_cell.length_b   56.547
_cell.length_c   70.680
_cell.angle_alpha   90.00
_cell.angle_beta   101.13
_cell.angle_gamma   90.00
#
_symmetry.space_group_name_H-M   'C 1 2 1'
#
loop_
_entity.id
_entity.type
_entity.pdbx_description
1 polymer 'Malonyl-[acyl-carrier protein] O-methyltransferase'
2 non-polymer SINEFUNGIN
3 non-polymer GLYCEROL
4 non-polymer 'SULFATE ION'
5 non-polymer '1,4-DIETHYLENE DIOXIDE'
6 water water
#
_entity_poly.entity_id   1
_entity_poly.type   'polypeptide(L)'
_entity_poly.pdbx_seq_one_letter_code
;MSLNKNLVAQRFAKAGQSYSKHAIVQKQICQNLTNLLKQFCPSAMSRVFEIGCGSGNLTRLLVESFQIENLVLNDLYAEV
QQHFNHEEHVKWLIGDVETLEFPQQLDMIVSGSALQWMQDLPRLLQHCYAALNEQGWLCFSTFGPKNLIEIKELTGQGLN
YWNLENWNSALTQAGFEILHLAQSETQLYFDSPKAVLQHLKATGVTATAQHRWTKQSLQQFYQDYDRFKHTEGYSLTYHP
IYCIARRMK
;
_entity_poly.pdbx_strand_id   A,B
#
# COMPACT_ATOMS: atom_id res chain seq x y z
N LYS A 5 -5.42 -11.29 -21.03
CA LYS A 5 -3.98 -11.13 -21.22
C LYS A 5 -3.52 -9.78 -20.64
N ASN A 6 -4.47 -8.87 -20.44
CA ASN A 6 -4.15 -7.60 -19.79
C ASN A 6 -3.91 -7.75 -18.29
N LEU A 7 -4.34 -8.86 -17.69
CA LEU A 7 -4.14 -9.12 -16.28
C LEU A 7 -2.98 -10.09 -16.11
N VAL A 8 -2.04 -9.77 -15.22
CA VAL A 8 -0.97 -10.70 -14.89
C VAL A 8 -0.96 -10.95 -13.38
N ALA A 9 -0.74 -12.20 -13.02
CA ALA A 9 -0.45 -12.53 -11.64
C ALA A 9 0.84 -11.84 -11.21
N GLN A 10 0.95 -11.57 -9.92
CA GLN A 10 2.21 -11.06 -9.42
C GLN A 10 2.37 -11.50 -7.98
N ARG A 11 3.62 -11.46 -7.53
CA ARG A 11 3.98 -11.73 -6.15
C ARG A 11 4.88 -10.60 -5.71
N PHE A 12 4.75 -10.16 -4.46
CA PHE A 12 5.54 -9.03 -4.02
C PHE A 12 6.04 -9.24 -2.60
N ALA A 13 7.11 -8.52 -2.29
CA ALA A 13 7.67 -8.44 -0.95
C ALA A 13 8.14 -7.02 -0.72
N LYS A 14 7.80 -6.46 0.43
CA LYS A 14 8.16 -5.09 0.76
C LYS A 14 8.77 -5.09 2.15
N ALA A 15 9.69 -4.17 2.37
CA ALA A 15 10.31 -4.02 3.69
C ALA A 15 10.75 -2.59 3.85
N GLY A 16 10.74 -2.11 5.08
CA GLY A 16 11.16 -0.74 5.28
C GLY A 16 10.93 -0.29 6.70
N GLN A 17 11.13 1.00 6.89
CA GLN A 17 11.00 1.67 8.18
C GLN A 17 10.03 2.82 8.01
N SER A 18 9.40 3.21 9.10
CA SER A 18 8.35 4.20 9.00
C SER A 18 8.08 4.78 10.38
N TYR A 19 7.17 5.76 10.42
CA TYR A 19 6.58 6.29 11.63
C TYR A 19 5.07 6.31 11.43
N SER A 20 4.33 5.98 12.49
CA SER A 20 2.87 6.09 12.43
C SER A 20 2.39 6.72 13.73
N LYS A 21 1.28 7.46 13.62
CA LYS A 21 0.53 7.82 14.82
C LYS A 21 0.01 6.52 15.39
N HIS A 22 0.58 6.07 16.51
CA HIS A 22 0.21 4.76 17.03
C HIS A 22 -1.26 4.68 17.38
N ALA A 23 -1.90 5.81 17.67
CA ALA A 23 -3.31 5.76 18.06
C ALA A 23 -4.25 5.46 16.89
N ILE A 24 -3.75 5.54 15.66
CA ILE A 24 -4.57 5.49 14.46
C ILE A 24 -4.47 4.12 13.76
N VAL A 25 -3.96 3.11 14.45
CA VAL A 25 -3.64 1.84 13.80
C VAL A 25 -4.87 1.23 13.14
N GLN A 26 -6.00 1.20 13.86
CA GLN A 26 -7.19 0.57 13.29
C GLN A 26 -7.77 1.41 12.14
N LYS A 27 -7.73 2.74 12.28
CA LYS A 27 -8.15 3.62 11.18
C LYS A 27 -7.26 3.48 9.96
N GLN A 28 -5.96 3.31 10.18
CA GLN A 28 -5.01 3.10 9.09
C GLN A 28 -5.32 1.82 8.33
N ILE A 29 -5.66 0.75 9.05
CA ILE A 29 -5.99 -0.51 8.39
C ILE A 29 -7.22 -0.33 7.51
N CYS A 30 -8.23 0.40 8.02
CA CYS A 30 -9.42 0.69 7.21
C CYS A 30 -9.07 1.48 5.96
N GLN A 31 -8.18 2.47 6.11
CA GLN A 31 -7.78 3.25 4.94
C GLN A 31 -7.04 2.40 3.93
N ASN A 32 -6.18 1.50 4.40
CA ASN A 32 -5.43 0.63 3.50
C ASN A 32 -6.36 -0.30 2.75
N LEU A 33 -7.34 -0.87 3.45
CA LEU A 33 -8.33 -1.69 2.75
C LEU A 33 -9.11 -0.86 1.73
N THR A 34 -9.52 0.35 2.12
CA THR A 34 -10.30 1.20 1.21
C THR A 34 -9.50 1.53 -0.05
N ASN A 35 -8.19 1.74 0.09
CA ASN A 35 -7.34 2.02 -1.07
C ASN A 35 -7.34 0.84 -2.03
N LEU A 36 -7.36 -0.38 -1.49
CA LEU A 36 -7.43 -1.57 -2.33
C LEU A 36 -8.79 -1.68 -3.01
N LEU A 37 -9.87 -1.41 -2.28
CA LEU A 37 -11.20 -1.33 -2.88
C LEU A 37 -11.22 -0.36 -4.06
N LYS A 38 -10.61 0.82 -3.87
CA LYS A 38 -10.58 1.82 -4.92
C LYS A 38 -9.77 1.35 -6.11
N GLN A 39 -8.75 0.54 -5.87
CA GLN A 39 -7.92 0.05 -6.97
C GLN A 39 -8.64 -1.01 -7.80
N PHE A 40 -9.38 -1.90 -7.14
CA PHE A 40 -9.90 -3.10 -7.80
C PHE A 40 -11.38 -3.03 -8.15
N CYS A 41 -12.20 -2.30 -7.36
CA CYS A 41 -13.65 -2.40 -7.44
C CYS A 41 -14.26 -1.24 -8.22
N PRO A 42 -15.37 -1.49 -8.92
CA PRO A 42 -16.09 -0.39 -9.57
C PRO A 42 -16.59 0.60 -8.53
N SER A 43 -16.76 1.85 -8.96
CA SER A 43 -17.19 2.89 -8.04
C SER A 43 -18.64 2.72 -7.60
N ALA A 44 -19.49 2.10 -8.41
CA ALA A 44 -20.89 1.87 -8.07
C ALA A 44 -21.14 0.39 -7.80
N MET A 45 -21.74 0.09 -6.64
CA MET A 45 -22.07 -1.29 -6.28
C MET A 45 -23.42 -1.27 -5.59
N SER A 46 -24.47 -1.74 -6.30
CA SER A 46 -25.84 -1.52 -5.86
C SER A 46 -26.07 -2.00 -4.43
N ARG A 47 -25.75 -3.26 -4.13
CA ARG A 47 -26.07 -3.87 -2.85
C ARG A 47 -24.79 -4.35 -2.19
N VAL A 48 -24.50 -3.81 -1.00
CA VAL A 48 -23.28 -4.10 -0.27
C VAL A 48 -23.64 -4.54 1.13
N PHE A 49 -23.04 -5.63 1.59
CA PHE A 49 -23.22 -6.16 2.94
C PHE A 49 -21.90 -5.99 3.69
N GLU A 50 -21.92 -5.23 4.78
CA GLU A 50 -20.74 -5.12 5.65
C GLU A 50 -20.92 -5.97 6.89
N ILE A 51 -19.93 -6.82 7.15
CA ILE A 51 -19.91 -7.70 8.31
C ILE A 51 -19.11 -7.05 9.43
N GLY A 52 -19.70 -6.95 10.61
CA GLY A 52 -18.97 -6.45 11.76
C GLY A 52 -18.62 -4.97 11.65
N CYS A 53 -19.63 -4.13 11.39
CA CYS A 53 -19.40 -2.72 11.08
C CYS A 53 -18.84 -1.96 12.29
N GLY A 54 -19.10 -2.43 13.50
CA GLY A 54 -18.63 -1.70 14.66
C GLY A 54 -19.08 -0.26 14.66
N SER A 55 -18.18 0.64 15.06
CA SER A 55 -18.48 2.06 15.13
C SER A 55 -18.42 2.75 13.76
N GLY A 56 -18.10 2.04 12.70
CA GLY A 56 -18.21 2.60 11.37
C GLY A 56 -16.93 3.16 10.78
N ASN A 57 -15.76 2.81 11.34
CA ASN A 57 -14.48 3.24 10.77
C ASN A 57 -14.35 2.84 9.31
N LEU A 58 -14.74 1.62 8.96
CA LEU A 58 -14.69 1.28 7.54
C LEU A 58 -15.93 1.80 6.82
N THR A 59 -17.10 1.75 7.47
CA THR A 59 -18.33 2.15 6.81
C THR A 59 -18.26 3.56 6.26
N ARG A 60 -17.71 4.50 7.04
CA ARG A 60 -17.68 5.88 6.58
C ARG A 60 -16.82 6.03 5.32
N LEU A 61 -15.70 5.31 5.26
CA LEU A 61 -14.83 5.37 4.09
C LEU A 61 -15.49 4.72 2.87
N LEU A 62 -16.24 3.65 3.10
CA LEU A 62 -16.91 2.95 2.01
C LEU A 62 -17.97 3.83 1.36
N VAL A 63 -18.82 4.46 2.18
CA VAL A 63 -19.87 5.30 1.63
C VAL A 63 -19.27 6.53 0.96
N GLU A 64 -18.10 6.99 1.44
CA GLU A 64 -17.46 8.17 0.86
C GLU A 64 -16.93 7.89 -0.54
N SER A 65 -16.42 6.69 -0.79
CA SER A 65 -15.75 6.40 -2.06
C SER A 65 -16.54 5.52 -3.01
N PHE A 66 -17.71 5.04 -2.62
CA PHE A 66 -18.49 4.17 -3.49
C PHE A 66 -19.96 4.57 -3.48
N GLN A 67 -20.61 4.43 -4.64
CA GLN A 67 -22.03 4.72 -4.79
C GLN A 67 -22.79 3.41 -4.55
N ILE A 68 -23.52 3.37 -3.43
CA ILE A 68 -24.17 2.15 -2.95
C ILE A 68 -25.67 2.43 -2.81
N GLU A 69 -26.50 1.57 -3.42
CA GLU A 69 -27.95 1.75 -3.39
C GLU A 69 -28.58 1.15 -2.14
N ASN A 70 -28.13 -0.04 -1.74
CA ASN A 70 -28.60 -0.70 -0.52
C ASN A 70 -27.37 -1.13 0.27
N LEU A 71 -27.21 -0.57 1.46
CA LEU A 71 -26.08 -0.90 2.34
C LEU A 71 -26.65 -1.67 3.53
N VAL A 72 -26.25 -2.93 3.65
CA VAL A 72 -26.74 -3.79 4.73
C VAL A 72 -25.63 -3.87 5.77
N LEU A 73 -25.91 -3.42 6.99
CA LEU A 73 -24.93 -3.30 8.04
C LEU A 73 -25.20 -4.34 9.12
N ASN A 74 -24.20 -5.15 9.40
CA ASN A 74 -24.26 -6.19 10.43
C ASN A 74 -23.26 -5.92 11.53
N ASP A 75 -23.69 -6.13 12.76
CA ASP A 75 -22.80 -6.29 13.90
C ASP A 75 -23.48 -7.18 14.91
N LEU A 76 -22.67 -7.82 15.74
CA LEU A 76 -23.18 -8.67 16.81
C LEU A 76 -24.03 -7.89 17.79
N TYR A 77 -23.67 -6.63 18.05
CA TYR A 77 -24.28 -5.84 19.11
C TYR A 77 -25.07 -4.69 18.53
N ALA A 78 -26.30 -4.52 19.02
CA ALA A 78 -27.10 -3.37 18.61
C ALA A 78 -26.46 -2.05 19.02
N GLU A 79 -25.56 -2.06 20.01
CA GLU A 79 -24.96 -0.84 20.50
C GLU A 79 -24.24 -0.05 19.41
N VAL A 80 -23.85 -0.71 18.32
CA VAL A 80 -23.15 -0.01 17.25
C VAL A 80 -24.04 1.03 16.58
N GLN A 81 -25.37 0.88 16.68
CA GLN A 81 -26.26 1.80 15.98
C GLN A 81 -26.13 3.22 16.52
N GLN A 82 -25.67 3.37 17.77
CA GLN A 82 -25.50 4.70 18.35
C GLN A 82 -24.43 5.51 17.64
N HIS A 83 -23.51 4.86 16.94
CA HIS A 83 -22.47 5.58 16.21
C HIS A 83 -22.92 6.03 14.83
N PHE A 84 -24.16 5.74 14.47
CA PHE A 84 -24.72 6.13 13.19
C PHE A 84 -25.94 7.01 13.41
N ASN A 85 -26.03 8.08 12.64
CA ASN A 85 -27.16 9.00 12.74
C ASN A 85 -27.62 9.36 11.34
N HIS A 86 -28.86 9.00 11.03
CA HIS A 86 -29.49 9.34 9.76
C HIS A 86 -28.71 8.78 8.59
N GLU A 87 -28.04 7.66 8.82
CA GLU A 87 -27.40 6.90 7.77
C GLU A 87 -28.41 6.60 6.67
N GLU A 88 -28.00 6.78 5.42
CA GLU A 88 -28.90 6.67 4.29
C GLU A 88 -28.76 5.32 3.62
N HIS A 89 -29.88 4.83 3.07
CA HIS A 89 -29.92 3.62 2.26
C HIS A 89 -29.52 2.36 3.04
N VAL A 90 -29.72 2.36 4.35
CA VAL A 90 -29.19 1.30 5.22
C VAL A 90 -30.31 0.32 5.56
N LYS A 91 -29.96 -0.97 5.61
CA LYS A 91 -30.80 -1.96 6.27
C LYS A 91 -29.97 -2.59 7.37
N TRP A 92 -30.54 -2.66 8.57
CA TRP A 92 -29.81 -3.17 9.72
C TRP A 92 -30.05 -4.67 9.86
N LEU A 93 -28.97 -5.42 10.07
CA LEU A 93 -29.02 -6.84 10.31
C LEU A 93 -28.17 -7.14 11.55
N ILE A 94 -28.71 -6.79 12.72
CA ILE A 94 -28.00 -6.97 13.97
C ILE A 94 -28.05 -8.45 14.38
N GLY A 95 -26.90 -9.03 14.67
CA GLY A 95 -26.87 -10.38 15.19
C GLY A 95 -25.56 -11.08 14.87
N ASP A 96 -25.50 -12.34 15.28
CA ASP A 96 -24.32 -13.17 14.99
C ASP A 96 -24.35 -13.52 13.52
N VAL A 97 -23.36 -13.02 12.76
CA VAL A 97 -23.34 -13.23 11.32
C VAL A 97 -23.15 -14.69 10.99
N GLU A 98 -22.66 -15.49 11.95
CA GLU A 98 -22.50 -16.91 11.71
C GLU A 98 -23.80 -17.68 11.82
N THR A 99 -24.86 -17.05 12.33
CA THR A 99 -26.17 -17.68 12.45
C THR A 99 -27.23 -17.07 11.54
N LEU A 100 -27.01 -15.85 11.06
CA LEU A 100 -28.03 -15.12 10.30
C LEU A 100 -28.01 -15.52 8.83
N GLU A 101 -29.20 -15.59 8.23
CA GLU A 101 -29.28 -15.74 6.79
C GLU A 101 -28.77 -14.47 6.12
N PHE A 102 -27.91 -14.61 5.12
CA PHE A 102 -27.34 -13.45 4.46
C PHE A 102 -28.39 -12.77 3.56
N PRO A 103 -28.23 -11.48 3.29
CA PRO A 103 -29.04 -10.86 2.23
C PRO A 103 -28.67 -11.46 0.88
N GLN A 104 -29.65 -11.50 -0.01
CA GLN A 104 -29.48 -12.11 -1.31
C GLN A 104 -29.01 -11.09 -2.35
N GLN A 105 -28.45 -11.60 -3.44
CA GLN A 105 -28.12 -10.83 -4.64
C GLN A 105 -27.22 -9.63 -4.28
N LEU A 106 -26.06 -9.94 -3.73
CA LEU A 106 -25.11 -8.93 -3.29
C LEU A 106 -24.09 -8.61 -4.37
N ASP A 107 -23.74 -7.32 -4.48
CA ASP A 107 -22.62 -6.94 -5.34
C ASP A 107 -21.28 -7.04 -4.62
N MET A 108 -21.26 -6.84 -3.31
CA MET A 108 -20.04 -6.99 -2.52
C MET A 108 -20.39 -7.35 -1.10
N ILE A 109 -19.55 -8.20 -0.51
CA ILE A 109 -19.48 -8.40 0.94
C ILE A 109 -18.16 -7.81 1.40
N VAL A 110 -18.20 -6.93 2.40
CA VAL A 110 -16.98 -6.27 2.84
C VAL A 110 -16.89 -6.32 4.36
N SER A 111 -15.67 -6.39 4.88
CA SER A 111 -15.51 -6.50 6.34
C SER A 111 -14.12 -6.04 6.74
N GLY A 112 -14.03 -5.21 7.77
CA GLY A 112 -12.74 -4.77 8.26
C GLY A 112 -12.52 -5.10 9.71
N SER A 113 -11.47 -5.87 10.01
CA SER A 113 -11.05 -6.17 11.38
C SER A 113 -12.17 -6.81 12.22
N ALA A 114 -12.97 -7.65 11.58
CA ALA A 114 -13.99 -8.42 12.28
C ALA A 114 -13.88 -9.93 12.10
N LEU A 115 -13.38 -10.41 10.96
CA LEU A 115 -13.38 -11.84 10.69
C LEU A 115 -12.53 -12.64 11.67
N GLN A 116 -11.59 -12.01 12.39
CA GLN A 116 -10.77 -12.77 13.33
C GLN A 116 -11.61 -13.34 14.47
N TRP A 117 -12.81 -12.80 14.70
CA TRP A 117 -13.71 -13.26 15.76
C TRP A 117 -14.59 -14.41 15.32
N MET A 118 -14.50 -14.83 14.07
CA MET A 118 -15.41 -15.83 13.54
C MET A 118 -15.03 -17.21 14.06
N GLN A 119 -16.03 -17.97 14.49
CA GLN A 119 -15.74 -19.31 14.98
C GLN A 119 -15.68 -20.33 13.85
N ASP A 120 -16.25 -20.01 12.68
CA ASP A 120 -16.34 -20.98 11.60
C ASP A 120 -16.22 -20.25 10.26
N LEU A 121 -14.99 -19.89 9.90
CA LEU A 121 -14.74 -19.17 8.65
C LEU A 121 -15.08 -19.97 7.39
N PRO A 122 -14.79 -21.28 7.32
CA PRO A 122 -15.15 -22.01 6.10
C PRO A 122 -16.63 -21.97 5.78
N ARG A 123 -17.48 -22.11 6.80
CA ARG A 123 -18.92 -22.03 6.59
C ARG A 123 -19.34 -20.61 6.24
N LEU A 124 -18.69 -19.61 6.84
CA LEU A 124 -19.01 -18.24 6.48
C LEU A 124 -18.70 -17.98 5.01
N LEU A 125 -17.55 -18.48 4.52
CA LEU A 125 -17.21 -18.27 3.12
C LEU A 125 -18.18 -18.96 2.17
N GLN A 126 -18.78 -20.07 2.61
CA GLN A 126 -19.84 -20.68 1.83
C GLN A 126 -21.06 -19.77 1.74
N HIS A 127 -21.41 -19.12 2.85
CA HIS A 127 -22.55 -18.21 2.82
C HIS A 127 -22.24 -16.98 1.97
N CYS A 128 -20.97 -16.54 1.96
CA CYS A 128 -20.57 -15.45 1.09
C CYS A 128 -20.74 -15.82 -0.38
N TYR A 129 -20.28 -17.01 -0.75
CA TYR A 129 -20.40 -17.47 -2.13
C TYR A 129 -21.85 -17.49 -2.58
N ALA A 130 -22.73 -18.02 -1.72
CA ALA A 130 -24.13 -18.18 -2.10
C ALA A 130 -24.84 -16.84 -2.18
N ALA A 131 -24.43 -15.86 -1.38
CA ALA A 131 -25.15 -14.60 -1.34
C ALA A 131 -24.75 -13.64 -2.45
N LEU A 132 -23.57 -13.85 -3.04
CA LEU A 132 -23.05 -12.88 -3.99
C LEU A 132 -23.58 -13.13 -5.39
N ASN A 133 -23.76 -12.03 -6.12
CA ASN A 133 -24.09 -12.06 -7.53
C ASN A 133 -22.94 -12.70 -8.30
N GLU A 134 -23.18 -12.99 -9.58
CA GLU A 134 -22.11 -13.50 -10.44
C GLU A 134 -20.93 -12.55 -10.43
N GLN A 135 -19.74 -13.08 -10.16
CA GLN A 135 -18.52 -12.29 -10.03
C GLN A 135 -18.67 -11.18 -8.99
N GLY A 136 -19.45 -11.43 -7.94
CA GLY A 136 -19.54 -10.50 -6.84
C GLY A 136 -18.25 -10.46 -6.04
N TRP A 137 -18.06 -9.35 -5.32
CA TRP A 137 -16.82 -9.06 -4.62
C TRP A 137 -16.89 -9.52 -3.17
N LEU A 138 -15.79 -10.09 -2.68
CA LEU A 138 -15.56 -10.33 -1.26
C LEU A 138 -14.25 -9.66 -0.88
N CYS A 139 -14.31 -8.65 -0.03
CA CYS A 139 -13.15 -7.80 0.23
C CYS A 139 -13.07 -7.58 1.72
N PHE A 140 -11.91 -7.87 2.30
CA PHE A 140 -11.84 -7.77 3.74
C PHE A 140 -10.42 -7.51 4.23
N SER A 141 -10.33 -7.03 5.46
CA SER A 141 -9.09 -7.07 6.23
C SER A 141 -9.32 -7.87 7.50
N THR A 142 -8.28 -8.61 7.89
CA THR A 142 -8.28 -9.35 9.16
C THR A 142 -6.86 -9.32 9.72
N PHE A 143 -6.48 -10.30 10.52
CA PHE A 143 -5.17 -10.31 11.14
C PHE A 143 -4.59 -11.71 11.07
N GLY A 144 -3.25 -11.78 11.04
CA GLY A 144 -2.53 -13.04 11.01
C GLY A 144 -1.88 -13.40 12.33
N PRO A 145 -1.19 -14.55 12.35
CA PRO A 145 -0.82 -15.18 13.63
C PRO A 145 0.13 -14.35 14.51
N LYS A 146 0.85 -13.37 13.97
CA LYS A 146 1.76 -12.59 14.80
C LYS A 146 1.10 -11.35 15.38
N ASN A 147 -0.21 -11.19 15.19
CA ASN A 147 -0.89 -9.99 15.66
C ASN A 147 -0.88 -9.94 17.18
N LEU A 148 -0.32 -8.84 17.73
CA LEU A 148 -0.22 -8.62 19.17
C LEU A 148 0.49 -9.79 19.86
N ILE A 149 1.46 -10.40 19.17
CA ILE A 149 2.08 -11.62 19.69
C ILE A 149 2.77 -11.37 21.03
N GLU A 150 3.29 -10.15 21.26
CA GLU A 150 3.94 -9.87 22.53
C GLU A 150 2.95 -9.93 23.68
N ILE A 151 1.71 -9.48 23.44
CA ILE A 151 0.69 -9.51 24.48
C ILE A 151 0.22 -10.94 24.73
N LYS A 152 0.15 -11.74 23.67
CA LYS A 152 -0.22 -13.15 23.83
C LYS A 152 0.84 -13.91 24.60
N GLU A 153 2.12 -13.65 24.31
CA GLU A 153 3.20 -14.36 25.02
C GLU A 153 3.26 -13.94 26.49
N LEU A 154 3.01 -12.67 26.79
CA LEU A 154 3.23 -12.18 28.15
C LEU A 154 2.01 -12.35 29.05
N THR A 155 0.81 -12.22 28.50
CA THR A 155 -0.42 -12.32 29.29
C THR A 155 -1.20 -13.60 29.04
N GLY A 156 -0.86 -14.36 28.00
CA GLY A 156 -1.59 -15.56 27.66
C GLY A 156 -2.87 -15.33 26.91
N GLN A 157 -3.30 -14.08 26.73
CA GLN A 157 -4.56 -13.76 26.06
C GLN A 157 -4.32 -13.40 24.61
N GLY A 158 -5.10 -14.00 23.72
CA GLY A 158 -5.02 -13.71 22.29
C GLY A 158 -5.72 -14.75 21.48
N LEU A 159 -6.08 -14.37 20.24
CA LEU A 159 -6.78 -15.26 19.33
C LEU A 159 -5.81 -16.14 18.56
N ASN A 160 -6.32 -17.25 18.05
CA ASN A 160 -5.63 -18.00 17.00
C ASN A 160 -6.09 -17.45 15.65
N TYR A 161 -5.13 -17.03 14.83
CA TYR A 161 -5.42 -16.39 13.55
C TYR A 161 -5.00 -17.31 12.40
N TRP A 162 -5.79 -17.30 11.33
CA TRP A 162 -5.38 -17.93 10.08
C TRP A 162 -4.17 -17.22 9.48
N ASN A 163 -3.30 -18.00 8.82
CA ASN A 163 -2.19 -17.40 8.08
C ASN A 163 -2.60 -17.16 6.63
N LEU A 164 -1.71 -16.51 5.87
CA LEU A 164 -2.06 -16.11 4.50
C LEU A 164 -2.36 -17.32 3.62
N GLU A 165 -1.59 -18.41 3.77
CA GLU A 165 -1.86 -19.56 2.92
C GLU A 165 -3.17 -20.25 3.28
N ASN A 166 -3.55 -20.24 4.57
CA ASN A 166 -4.87 -20.72 4.97
C ASN A 166 -5.95 -19.99 4.19
N TRP A 167 -5.87 -18.67 4.17
CA TRP A 167 -6.84 -17.88 3.41
C TRP A 167 -6.80 -18.24 1.94
N ASN A 168 -5.60 -18.36 1.36
CA ASN A 168 -5.48 -18.70 -0.06
C ASN A 168 -6.22 -20.00 -0.37
N SER A 169 -5.99 -21.02 0.45
CA SER A 169 -6.61 -22.32 0.20
C SER A 169 -8.11 -22.27 0.45
N ALA A 170 -8.54 -21.55 1.49
CA ALA A 170 -9.96 -21.52 1.84
C ALA A 170 -10.76 -20.72 0.82
N LEU A 171 -10.22 -19.60 0.34
CA LEU A 171 -10.94 -18.84 -0.69
C LEU A 171 -11.12 -19.66 -1.94
N THR A 172 -10.05 -20.29 -2.44
CA THR A 172 -10.16 -21.09 -3.65
C THR A 172 -11.15 -22.22 -3.46
N GLN A 173 -11.14 -22.84 -2.28
CA GLN A 173 -12.08 -23.92 -2.03
C GLN A 173 -13.53 -23.43 -2.02
N ALA A 174 -13.78 -22.24 -1.47
CA ALA A 174 -15.13 -21.73 -1.36
C ALA A 174 -15.69 -21.20 -2.68
N GLY A 175 -14.87 -21.16 -3.73
CA GLY A 175 -15.32 -20.68 -5.01
C GLY A 175 -14.98 -19.25 -5.35
N PHE A 176 -13.91 -18.70 -4.79
CA PHE A 176 -13.49 -17.33 -5.09
C PHE A 176 -12.18 -17.32 -5.85
N GLU A 177 -12.05 -16.35 -6.76
CA GLU A 177 -10.74 -16.04 -7.34
C GLU A 177 -10.11 -14.90 -6.56
N ILE A 178 -8.80 -14.93 -6.44
CA ILE A 178 -8.08 -13.98 -5.59
C ILE A 178 -7.42 -12.92 -6.47
N LEU A 179 -7.90 -11.69 -6.35
CA LEU A 179 -7.24 -10.57 -7.01
C LEU A 179 -6.13 -9.96 -6.19
N HIS A 180 -6.22 -10.03 -4.86
CA HIS A 180 -5.21 -9.47 -3.97
C HIS A 180 -5.27 -10.21 -2.65
N LEU A 181 -4.14 -10.70 -2.17
CA LEU A 181 -4.10 -11.33 -0.85
C LEU A 181 -2.70 -11.12 -0.29
N ALA A 182 -2.63 -10.38 0.81
CA ALA A 182 -1.35 -9.86 1.27
C ALA A 182 -1.38 -9.73 2.78
N GLN A 183 -0.19 -9.69 3.36
CA GLN A 183 -0.02 -9.55 4.80
C GLN A 183 1.05 -8.50 5.05
N SER A 184 0.94 -7.84 6.18
CA SER A 184 1.99 -6.93 6.61
C SER A 184 2.27 -7.26 8.07
N GLU A 185 3.54 -7.52 8.39
CA GLU A 185 3.95 -7.66 9.78
C GLU A 185 4.71 -6.40 10.16
N THR A 186 4.16 -5.63 11.09
CA THR A 186 4.71 -4.33 11.45
C THR A 186 5.00 -4.33 12.94
N GLN A 187 6.24 -4.03 13.31
CA GLN A 187 6.59 -3.88 14.70
C GLN A 187 6.66 -2.39 15.02
N LEU A 188 5.83 -1.96 15.96
CA LEU A 188 5.88 -0.63 16.53
C LEU A 188 6.87 -0.67 17.69
N TYR A 189 7.66 0.39 17.84
CA TYR A 189 8.73 0.41 18.83
C TYR A 189 8.44 1.55 19.81
N PHE A 190 7.93 1.19 20.98
CA PHE A 190 7.58 2.15 22.02
C PHE A 190 8.77 2.42 22.93
N ASP A 191 8.73 3.61 23.56
CA ASP A 191 9.87 4.04 24.36
C ASP A 191 10.03 3.20 25.63
N SER A 192 8.93 2.67 26.14
CA SER A 192 8.94 1.92 27.39
C SER A 192 7.74 0.99 27.38
N PRO A 193 7.79 -0.10 28.16
CA PRO A 193 6.61 -0.97 28.28
C PRO A 193 5.35 -0.24 28.73
N LYS A 194 5.47 0.76 29.60
CA LYS A 194 4.31 1.55 29.98
C LYS A 194 3.59 2.12 28.76
N ALA A 195 4.35 2.59 27.78
CA ALA A 195 3.73 3.19 26.60
C ALA A 195 2.98 2.15 25.78
N VAL A 196 3.39 0.88 25.85
CA VAL A 196 2.65 -0.18 25.17
C VAL A 196 1.26 -0.31 25.76
N LEU A 197 1.16 -0.32 27.09
CA LEU A 197 -0.16 -0.50 27.70
C LEU A 197 -1.05 0.72 27.47
N GLN A 198 -0.46 1.91 27.53
CA GLN A 198 -1.22 3.13 27.22
C GLN A 198 -1.79 3.06 25.80
N HIS A 199 -0.97 2.63 24.84
CA HIS A 199 -1.44 2.49 23.47
C HIS A 199 -2.62 1.53 23.39
N LEU A 200 -2.53 0.39 24.09
CA LEU A 200 -3.58 -0.62 24.03
C LEU A 200 -4.89 -0.12 24.60
N LYS A 201 -4.83 0.63 25.71
CA LYS A 201 -6.06 1.18 26.28
C LYS A 201 -6.66 2.22 25.36
N ALA A 202 -5.81 3.05 24.73
CA ALA A 202 -6.31 4.14 23.89
C ALA A 202 -6.98 3.63 22.63
N THR A 203 -6.50 2.51 22.07
CA THR A 203 -7.06 1.99 20.83
C THR A 203 -8.25 1.07 21.04
N GLY A 204 -8.55 0.70 22.29
CA GLY A 204 -9.70 -0.14 22.57
C GLY A 204 -9.42 -1.63 22.61
N VAL A 205 -8.21 -2.03 22.95
CA VAL A 205 -7.87 -3.45 23.03
C VAL A 205 -7.59 -3.84 24.47
N GLN A 216 1.95 -6.17 41.33
CA GLN A 216 3.00 -7.16 41.10
C GLN A 216 2.93 -7.69 39.67
N SER A 217 1.71 -7.83 39.15
CA SER A 217 1.54 -8.26 37.77
C SER A 217 2.02 -7.19 36.79
N LEU A 218 1.79 -5.91 37.11
CA LEU A 218 2.21 -4.83 36.24
C LEU A 218 3.73 -4.73 36.18
N GLN A 219 4.40 -4.79 37.34
CA GLN A 219 5.85 -4.76 37.33
C GLN A 219 6.43 -6.02 36.70
N GLN A 220 5.76 -7.15 36.87
CA GLN A 220 6.22 -8.37 36.20
C GLN A 220 5.98 -8.28 34.70
N PHE A 221 4.91 -7.61 34.27
CA PHE A 221 4.71 -7.37 32.85
C PHE A 221 5.80 -6.48 32.27
N TYR A 222 6.14 -5.41 32.98
CA TYR A 222 7.20 -4.52 32.51
C TYR A 222 8.55 -5.24 32.47
N GLN A 223 8.84 -6.01 33.53
CA GLN A 223 10.09 -6.78 33.55
C GLN A 223 10.10 -7.82 32.45
N ASP A 224 9.00 -8.57 32.29
CA ASP A 224 8.93 -9.56 31.22
C ASP A 224 9.07 -8.94 29.83
N TYR A 225 8.76 -7.65 29.69
CA TYR A 225 8.84 -7.07 28.35
C TYR A 225 10.27 -6.89 27.89
N ASP A 226 11.26 -7.15 28.77
CA ASP A 226 12.65 -7.04 28.35
C ASP A 226 12.97 -7.97 27.19
N ARG A 227 12.25 -9.09 27.07
CA ARG A 227 12.51 -9.98 25.94
C ARG A 227 12.15 -9.37 24.60
N PHE A 228 11.43 -8.25 24.57
CA PHE A 228 11.03 -7.61 23.33
C PHE A 228 11.75 -6.27 23.12
N LYS A 229 12.81 -6.02 23.87
CA LYS A 229 13.60 -4.79 23.71
C LYS A 229 14.44 -4.86 22.45
N HIS A 230 14.21 -3.92 21.53
CA HIS A 230 15.02 -3.72 20.35
C HIS A 230 15.77 -2.39 20.44
N THR A 231 16.56 -2.10 19.40
CA THR A 231 17.30 -0.84 19.37
C THR A 231 16.36 0.35 19.38
N GLU A 232 15.28 0.31 18.59
CA GLU A 232 14.36 1.43 18.52
C GLU A 232 13.43 1.52 19.73
N GLY A 233 13.30 0.45 20.50
CA GLY A 233 12.39 0.44 21.61
C GLY A 233 11.79 -0.95 21.82
N TYR A 234 10.67 -0.99 22.52
CA TYR A 234 9.99 -2.22 22.89
C TYR A 234 8.89 -2.53 21.87
N SER A 235 8.93 -3.73 21.30
CA SER A 235 8.08 -4.03 20.14
C SER A 235 6.66 -4.36 20.55
N LEU A 236 5.71 -3.91 19.72
CA LEU A 236 4.35 -4.43 19.66
C LEU A 236 4.02 -4.67 18.19
N THR A 237 3.65 -5.90 17.86
CA THR A 237 3.45 -6.32 16.48
C THR A 237 1.99 -6.25 16.10
N TYR A 238 1.70 -5.70 14.92
CA TYR A 238 0.41 -5.85 14.26
C TYR A 238 0.63 -6.62 12.97
N HIS A 239 -0.35 -7.46 12.63
CA HIS A 239 -0.22 -8.36 11.48
C HIS A 239 -1.51 -8.33 10.65
N PRO A 240 -1.83 -7.19 10.03
CA PRO A 240 -3.03 -7.15 9.18
C PRO A 240 -2.88 -7.97 7.90
N ILE A 241 -4.00 -8.57 7.51
CA ILE A 241 -4.12 -9.30 6.25
C ILE A 241 -5.22 -8.63 5.44
N TYR A 242 -4.97 -8.43 4.14
CA TYR A 242 -5.89 -7.75 3.24
C TYR A 242 -6.24 -8.68 2.10
N CYS A 243 -7.49 -8.65 1.66
CA CYS A 243 -7.93 -9.54 0.58
C CYS A 243 -8.93 -8.86 -0.34
N ILE A 244 -8.68 -8.94 -1.64
CA ILE A 244 -9.69 -8.63 -2.66
C ILE A 244 -9.97 -9.92 -3.44
N ALA A 245 -11.22 -10.39 -3.38
CA ALA A 245 -11.59 -11.64 -4.03
C ALA A 245 -12.90 -11.46 -4.78
N ARG A 246 -13.18 -12.40 -5.70
CA ARG A 246 -14.36 -12.31 -6.54
C ARG A 246 -14.93 -13.70 -6.75
N ARG A 247 -16.25 -13.79 -6.74
CA ARG A 247 -16.90 -15.08 -6.97
C ARG A 247 -16.54 -15.58 -8.36
N MET A 248 -16.06 -16.82 -8.44
CA MET A 248 -15.63 -17.34 -9.73
C MET A 248 -16.82 -17.51 -10.67
N LYS A 249 -16.61 -17.11 -11.92
CA LYS A 249 -17.66 -17.20 -12.93
C LYS A 249 -17.96 -18.67 -13.23
N ASN B 6 1.43 11.77 18.66
CA ASN B 6 2.57 10.94 19.04
C ASN B 6 2.93 9.96 17.91
N LEU B 7 4.14 10.10 17.39
CA LEU B 7 4.65 9.21 16.37
C LEU B 7 5.57 8.17 17.00
N VAL B 8 5.47 6.93 16.54
CA VAL B 8 6.35 5.85 16.98
C VAL B 8 7.06 5.28 15.77
N ALA B 9 8.33 4.96 15.95
CA ALA B 9 9.09 4.27 14.92
C ALA B 9 8.54 2.88 14.68
N GLN B 10 8.71 2.38 13.46
CA GLN B 10 8.28 1.05 13.12
C GLN B 10 9.15 0.47 12.02
N ARG B 11 9.21 -0.85 11.98
CA ARG B 11 9.77 -1.57 10.84
C ARG B 11 8.76 -2.61 10.39
N PHE B 12 8.74 -2.90 9.10
CA PHE B 12 7.69 -3.76 8.59
C PHE B 12 8.22 -4.65 7.48
N ALA B 13 7.51 -5.74 7.26
CA ALA B 13 7.69 -6.63 6.11
C ALA B 13 6.31 -6.97 5.58
N LYS B 14 6.13 -6.83 4.29
CA LYS B 14 4.86 -7.16 3.66
C LYS B 14 5.10 -8.16 2.54
N ALA B 15 4.10 -8.99 2.28
CA ALA B 15 4.24 -9.98 1.22
C ALA B 15 2.86 -10.38 0.74
N GLY B 16 2.76 -10.74 -0.53
CA GLY B 16 1.46 -11.19 -0.99
C GLY B 16 1.45 -11.46 -2.47
N GLN B 17 0.24 -11.64 -2.98
CA GLN B 17 -0.02 -11.94 -4.37
C GLN B 17 -1.10 -11.00 -4.87
N SER B 18 -1.09 -10.73 -6.16
CA SER B 18 -2.06 -9.81 -6.74
C SER B 18 -2.30 -10.28 -8.18
N TYR B 19 -3.43 -9.87 -8.75
CA TYR B 19 -3.81 -10.30 -10.10
C TYR B 19 -4.36 -9.06 -10.80
N SER B 20 -3.47 -8.30 -11.45
CA SER B 20 -3.77 -6.93 -11.83
C SER B 20 -3.23 -6.61 -13.21
N LYS B 21 -3.70 -5.47 -13.74
CA LYS B 21 -3.27 -5.02 -15.06
C LYS B 21 -1.79 -4.66 -15.06
N HIS B 22 -1.09 -5.10 -16.11
CA HIS B 22 0.34 -4.86 -16.22
C HIS B 22 0.66 -3.51 -16.85
N ALA B 23 -0.24 -2.96 -17.66
CA ALA B 23 0.07 -1.70 -18.33
C ALA B 23 0.07 -0.50 -17.39
N ILE B 24 -0.42 -0.65 -16.16
CA ILE B 24 -0.65 0.46 -15.25
C ILE B 24 0.42 0.52 -14.15
N VAL B 25 1.53 -0.22 -14.32
CA VAL B 25 2.54 -0.30 -13.27
C VAL B 25 3.00 1.09 -12.85
N GLN B 26 3.29 1.95 -13.83
CA GLN B 26 3.81 3.27 -13.48
C GLN B 26 2.79 4.09 -12.70
N LYS B 27 1.54 4.10 -13.15
CA LYS B 27 0.49 4.79 -12.41
C LYS B 27 0.27 4.16 -11.04
N GLN B 28 0.39 2.82 -10.95
CA GLN B 28 0.23 2.16 -9.65
C GLN B 28 1.32 2.61 -8.67
N ILE B 29 2.54 2.82 -9.16
CA ILE B 29 3.61 3.31 -8.30
C ILE B 29 3.30 4.72 -7.82
N CYS B 30 2.77 5.56 -8.72
CA CYS B 30 2.38 6.91 -8.34
C CYS B 30 1.23 6.89 -7.34
N GLN B 31 0.30 5.94 -7.50
CA GLN B 31 -0.78 5.81 -6.52
C GLN B 31 -0.24 5.40 -5.16
N ASN B 32 0.72 4.46 -5.12
CA ASN B 32 1.31 4.06 -3.85
C ASN B 32 2.06 5.22 -3.19
N LEU B 33 2.80 6.01 -3.97
CA LEU B 33 3.48 7.16 -3.38
C LEU B 33 2.48 8.18 -2.86
N THR B 34 1.38 8.38 -3.59
CA THR B 34 0.37 9.35 -3.17
C THR B 34 -0.31 8.91 -1.86
N ASN B 35 -0.58 7.61 -1.74
CA ASN B 35 -1.14 7.06 -0.51
C ASN B 35 -0.24 7.32 0.68
N LEU B 36 1.08 7.27 0.49
CA LEU B 36 2.00 7.64 1.55
C LEU B 36 1.95 9.13 1.84
N LEU B 37 1.90 9.97 0.79
CA LEU B 37 1.75 11.40 1.01
C LEU B 37 0.53 11.71 1.86
N LYS B 38 -0.58 10.99 1.62
CA LYS B 38 -1.81 11.26 2.36
C LYS B 38 -1.66 10.95 3.83
N GLN B 39 -0.79 10.00 4.18
CA GLN B 39 -0.50 9.74 5.59
C GLN B 39 0.32 10.87 6.20
N PHE B 40 1.53 11.07 5.69
CA PHE B 40 2.52 11.86 6.41
C PHE B 40 2.32 13.36 6.24
N CYS B 41 1.67 13.76 5.17
CA CYS B 41 1.63 15.15 4.80
C CYS B 41 0.28 15.75 5.10
N PRO B 42 0.22 17.05 5.39
CA PRO B 42 -1.08 17.69 5.60
C PRO B 42 -1.82 17.76 4.28
N SER B 43 -3.16 17.83 4.38
CA SER B 43 -3.96 17.93 3.16
C SER B 43 -3.72 19.25 2.45
N ALA B 44 -3.33 20.30 3.18
CA ALA B 44 -3.13 21.62 2.61
C ALA B 44 -1.65 21.95 2.56
N MET B 45 -1.18 22.37 1.38
CA MET B 45 0.18 22.83 1.17
C MET B 45 0.16 24.07 0.29
N SER B 46 1.14 24.94 0.50
CA SER B 46 1.17 26.20 -0.23
C SER B 46 2.03 26.13 -1.50
N ARG B 47 3.27 25.66 -1.38
CA ARG B 47 4.23 25.72 -2.48
C ARG B 47 4.86 24.35 -2.69
N VAL B 48 4.59 23.73 -3.84
CA VAL B 48 5.06 22.39 -4.17
C VAL B 48 5.87 22.44 -5.46
N PHE B 49 7.00 21.74 -5.48
CA PHE B 49 7.86 21.60 -6.65
C PHE B 49 7.92 20.12 -7.00
N GLU B 50 7.62 19.77 -8.25
CA GLU B 50 7.70 18.38 -8.69
C GLU B 50 8.79 18.23 -9.73
N ILE B 51 9.70 17.29 -9.48
CA ILE B 51 10.85 17.03 -10.35
C ILE B 51 10.50 15.90 -11.31
N GLY B 52 10.61 16.17 -12.60
CA GLY B 52 10.37 15.15 -13.61
C GLY B 52 8.92 14.70 -13.75
N CYS B 53 8.01 15.65 -14.02
CA CYS B 53 6.59 15.32 -13.98
C CYS B 53 6.16 14.46 -15.16
N GLY B 54 6.90 14.51 -16.27
CA GLY B 54 6.51 13.72 -17.45
C GLY B 54 5.07 13.99 -17.85
N SER B 55 4.35 12.89 -18.16
CA SER B 55 2.96 12.97 -18.54
C SER B 55 2.03 13.43 -17.42
N GLY B 56 2.52 13.44 -16.17
CA GLY B 56 1.71 13.86 -15.05
C GLY B 56 0.97 12.75 -14.33
N ASN B 57 1.48 11.52 -14.38
CA ASN B 57 0.83 10.43 -13.66
C ASN B 57 0.73 10.76 -12.17
N LEU B 58 1.77 11.36 -11.61
CA LEU B 58 1.76 11.75 -10.21
C LEU B 58 1.04 13.08 -10.03
N THR B 59 1.18 13.99 -11.00
CA THR B 59 0.59 15.32 -10.90
C THR B 59 -0.92 15.25 -10.73
N ARG B 60 -1.59 14.42 -11.55
CA ARG B 60 -3.03 14.26 -11.45
C ARG B 60 -3.45 13.83 -10.05
N LEU B 61 -2.82 12.79 -9.52
CA LEU B 61 -3.16 12.31 -8.18
C LEU B 61 -2.83 13.32 -7.11
N LEU B 62 -1.78 14.12 -7.31
CA LEU B 62 -1.33 15.07 -6.29
C LEU B 62 -2.32 16.22 -6.13
N VAL B 63 -2.79 16.79 -7.24
CA VAL B 63 -3.73 17.90 -7.11
C VAL B 63 -5.09 17.39 -6.64
N GLU B 64 -5.41 16.13 -6.93
CA GLU B 64 -6.70 15.58 -6.51
C GLU B 64 -6.74 15.34 -5.02
N SER B 65 -5.59 15.03 -4.39
CA SER B 65 -5.55 14.69 -2.98
C SER B 65 -5.07 15.83 -2.09
N PHE B 66 -4.44 16.85 -2.65
CA PHE B 66 -3.85 17.92 -1.84
C PHE B 66 -4.33 19.29 -2.33
N GLN B 67 -4.54 20.20 -1.38
CA GLN B 67 -4.94 21.58 -1.70
C GLN B 67 -3.69 22.43 -1.79
N ILE B 68 -3.26 22.73 -3.01
CA ILE B 68 -2.03 23.47 -3.28
C ILE B 68 -2.39 24.86 -3.81
N GLU B 69 -1.65 25.86 -3.34
CA GLU B 69 -1.84 27.23 -3.80
C GLU B 69 -0.90 27.61 -4.93
N ASN B 70 0.30 27.03 -4.96
CA ASN B 70 1.26 27.26 -6.02
C ASN B 70 1.94 25.93 -6.33
N LEU B 71 1.90 25.51 -7.60
CA LEU B 71 2.48 24.26 -8.04
C LEU B 71 3.48 24.55 -9.16
N VAL B 72 4.74 24.19 -8.93
CA VAL B 72 5.79 24.32 -9.92
C VAL B 72 6.09 22.93 -10.48
N LEU B 73 6.10 22.81 -11.80
CA LEU B 73 6.31 21.54 -12.47
C LEU B 73 7.60 21.60 -13.27
N ASN B 74 8.42 20.55 -13.17
CA ASN B 74 9.67 20.49 -13.90
C ASN B 74 9.74 19.22 -14.72
N ASP B 75 10.34 19.33 -15.91
CA ASP B 75 10.79 18.18 -16.66
C ASP B 75 11.84 18.63 -17.68
N LEU B 76 12.57 17.66 -18.20
CA LEU B 76 13.69 17.93 -19.09
C LEU B 76 13.26 18.63 -20.37
N TYR B 77 12.03 18.40 -20.82
CA TYR B 77 11.62 18.76 -22.17
C TYR B 77 10.28 19.49 -22.14
N ALA B 78 10.18 20.53 -22.96
CA ALA B 78 8.94 21.30 -23.04
C ALA B 78 7.79 20.48 -23.62
N GLU B 79 8.09 19.34 -24.26
CA GLU B 79 7.03 18.53 -24.85
C GLU B 79 6.05 18.00 -23.82
N VAL B 80 6.44 17.95 -22.55
CA VAL B 80 5.54 17.40 -21.53
C VAL B 80 4.39 18.37 -21.26
N GLN B 81 4.61 19.67 -21.46
CA GLN B 81 3.51 20.63 -21.27
C GLN B 81 2.38 20.40 -22.25
N GLN B 82 2.63 19.68 -23.34
CA GLN B 82 1.56 19.28 -24.23
C GLN B 82 0.48 18.47 -23.51
N HIS B 83 0.88 17.65 -22.54
CA HIS B 83 -0.06 16.88 -21.75
C HIS B 83 -0.81 17.72 -20.73
N PHE B 84 -0.62 19.04 -20.73
CA PHE B 84 -1.26 19.92 -19.76
C PHE B 84 -1.81 21.18 -20.43
N HIS B 89 -2.15 29.14 -11.41
CA HIS B 89 -1.41 28.88 -10.19
C HIS B 89 -0.46 27.70 -10.38
N VAL B 90 -0.06 27.45 -11.63
CA VAL B 90 0.84 26.35 -11.97
C VAL B 90 1.93 26.91 -12.88
N LYS B 91 3.16 26.89 -12.39
CA LYS B 91 4.31 27.39 -13.13
C LYS B 91 5.14 26.23 -13.67
N TRP B 92 5.93 26.53 -14.70
CA TRP B 92 6.74 25.52 -15.37
C TRP B 92 8.22 25.91 -15.35
N LEU B 93 9.08 24.94 -15.07
CA LEU B 93 10.53 25.10 -15.11
C LEU B 93 11.12 23.95 -15.92
N ILE B 94 11.34 24.18 -17.19
CA ILE B 94 11.83 23.15 -18.11
C ILE B 94 13.36 23.19 -18.12
N GLY B 95 13.97 22.03 -18.00
CA GLY B 95 15.42 21.92 -18.09
C GLY B 95 15.92 20.75 -17.26
N ASP B 96 17.23 20.56 -17.30
CA ASP B 96 17.88 19.56 -16.45
C ASP B 96 17.80 20.06 -15.00
N VAL B 97 17.16 19.26 -14.14
CA VAL B 97 16.94 19.72 -12.76
C VAL B 97 18.27 19.86 -12.04
N GLU B 98 19.29 19.10 -12.46
CA GLU B 98 20.60 19.18 -11.84
C GLU B 98 21.33 20.50 -12.15
N THR B 99 20.79 21.34 -13.04
CA THR B 99 21.36 22.66 -13.27
C THR B 99 20.34 23.79 -13.14
N LEU B 100 19.08 23.48 -12.88
CA LEU B 100 18.06 24.50 -12.80
C LEU B 100 18.14 25.25 -11.47
N GLU B 101 17.72 26.51 -11.48
CA GLU B 101 17.49 27.23 -10.24
C GLU B 101 16.16 26.79 -9.65
N PHE B 102 16.20 26.23 -8.44
CA PHE B 102 14.98 25.75 -7.82
C PHE B 102 14.08 26.91 -7.41
N PRO B 103 12.76 26.72 -7.45
CA PRO B 103 11.88 27.62 -6.71
C PRO B 103 12.19 27.52 -5.23
N GLN B 104 12.23 28.68 -4.57
CA GLN B 104 12.71 28.74 -3.18
C GLN B 104 11.53 28.76 -2.21
N GLN B 105 11.86 28.50 -0.94
CA GLN B 105 10.88 28.51 0.16
C GLN B 105 9.73 27.54 -0.10
N LEU B 106 10.10 26.28 -0.33
CA LEU B 106 9.13 25.25 -0.69
C LEU B 106 8.62 24.52 0.53
N ASP B 107 7.33 24.17 0.50
CA ASP B 107 6.76 23.28 1.50
C ASP B 107 7.07 21.82 1.21
N MET B 108 7.11 21.42 -0.06
CA MET B 108 7.42 20.04 -0.40
C MET B 108 8.04 19.94 -1.77
N ILE B 109 9.03 19.05 -1.90
CA ILE B 109 9.58 18.63 -3.18
C ILE B 109 9.17 17.18 -3.37
N VAL B 110 8.57 16.88 -4.52
CA VAL B 110 8.02 15.55 -4.75
C VAL B 110 8.44 15.10 -6.15
N SER B 111 8.70 13.81 -6.29
CA SER B 111 9.18 13.28 -7.56
C SER B 111 8.86 11.80 -7.64
N GLY B 112 8.23 11.40 -8.75
CA GLY B 112 7.94 9.99 -8.93
C GLY B 112 8.64 9.39 -10.14
N SER B 113 9.49 8.37 -9.90
CA SER B 113 10.14 7.59 -10.95
C SER B 113 11.03 8.46 -11.85
N ALA B 114 11.74 9.42 -11.27
CA ALA B 114 12.63 10.25 -12.06
C ALA B 114 14.06 10.29 -11.51
N LEU B 115 14.22 10.16 -10.19
CA LEU B 115 15.54 10.36 -9.60
C LEU B 115 16.55 9.29 -10.03
N GLN B 116 16.10 8.16 -10.57
CA GLN B 116 17.03 7.15 -11.03
C GLN B 116 17.85 7.61 -12.22
N TRP B 117 17.45 8.70 -12.87
CA TRP B 117 18.15 9.25 -14.03
C TRP B 117 19.19 10.29 -13.64
N MET B 118 19.40 10.52 -12.34
CA MET B 118 20.21 11.64 -11.90
C MET B 118 21.69 11.24 -11.93
N GLN B 119 22.53 12.21 -12.25
CA GLN B 119 23.96 11.95 -12.34
C GLN B 119 24.66 12.10 -10.99
N ASP B 120 24.27 13.09 -10.19
CA ASP B 120 24.90 13.35 -8.89
C ASP B 120 23.80 13.55 -7.85
N LEU B 121 23.36 12.44 -7.24
CA LEU B 121 22.28 12.49 -6.27
C LEU B 121 22.64 13.26 -5.01
N PRO B 122 23.85 13.12 -4.44
CA PRO B 122 24.18 13.93 -3.26
C PRO B 122 24.07 15.43 -3.53
N ARG B 123 24.55 15.89 -4.68
CA ARG B 123 24.48 17.32 -4.98
C ARG B 123 23.02 17.75 -5.18
N LEU B 124 22.20 16.90 -5.79
CA LEU B 124 20.79 17.23 -5.94
C LEU B 124 20.09 17.32 -4.59
N LEU B 125 20.41 16.41 -3.67
CA LEU B 125 19.81 16.43 -2.35
C LEU B 125 20.17 17.70 -1.60
N GLN B 126 21.43 18.14 -1.72
CA GLN B 126 21.86 19.39 -1.11
C GLN B 126 21.01 20.56 -1.60
N HIS B 127 20.72 20.61 -2.89
CA HIS B 127 19.88 21.68 -3.42
C HIS B 127 18.44 21.54 -2.95
N CYS B 128 17.97 20.30 -2.77
CA CYS B 128 16.64 20.09 -2.18
C CYS B 128 16.61 20.63 -0.75
N TYR B 129 17.65 20.35 0.03
CA TYR B 129 17.71 20.83 1.40
C TYR B 129 17.74 22.36 1.47
N ALA B 130 18.47 22.99 0.57
CA ALA B 130 18.60 24.44 0.63
C ALA B 130 17.30 25.14 0.21
N ALA B 131 16.47 24.49 -0.61
CA ALA B 131 15.28 25.12 -1.16
C ALA B 131 14.04 24.91 -0.32
N LEU B 132 14.05 23.94 0.58
CA LEU B 132 12.90 23.64 1.43
C LEU B 132 12.92 24.50 2.70
N ASN B 133 11.73 24.83 3.17
CA ASN B 133 11.57 25.46 4.47
C ASN B 133 12.02 24.50 5.58
N GLU B 134 12.14 25.03 6.78
CA GLU B 134 12.34 24.18 7.94
C GLU B 134 11.22 23.16 8.03
N GLN B 135 11.58 21.90 8.30
CA GLN B 135 10.63 20.79 8.34
C GLN B 135 9.92 20.61 6.99
N GLY B 136 10.56 21.05 5.92
CA GLY B 136 10.01 20.84 4.59
C GLY B 136 10.08 19.39 4.17
N TRP B 137 9.18 19.03 3.26
CA TRP B 137 8.94 17.65 2.84
C TRP B 137 9.72 17.34 1.58
N LEU B 138 10.43 16.21 1.60
CA LEU B 138 11.04 15.63 0.39
C LEU B 138 10.48 14.22 0.27
N CYS B 139 9.71 13.98 -0.79
CA CYS B 139 8.93 12.76 -0.90
C CYS B 139 9.13 12.24 -2.31
N PHE B 140 9.50 10.97 -2.44
CA PHE B 140 9.80 10.51 -3.78
C PHE B 140 9.70 9.00 -3.89
N SER B 141 9.55 8.55 -5.12
CA SER B 141 9.75 7.15 -5.45
C SER B 141 10.82 7.07 -6.51
N THR B 142 11.60 5.99 -6.43
CA THR B 142 12.62 5.70 -7.43
C THR B 142 12.69 4.19 -7.54
N PHE B 143 13.85 3.64 -7.91
CA PHE B 143 13.96 2.19 -8.09
C PHE B 143 15.28 1.69 -7.52
N GLY B 144 15.26 0.43 -7.08
CA GLY B 144 16.40 -0.19 -6.44
C GLY B 144 17.11 -1.18 -7.36
N PRO B 145 18.12 -1.87 -6.82
CA PRO B 145 19.10 -2.58 -7.67
C PRO B 145 18.54 -3.73 -8.49
N LYS B 146 17.37 -4.26 -8.18
CA LYS B 146 16.82 -5.36 -8.96
C LYS B 146 15.71 -4.91 -9.90
N ASN B 147 15.57 -3.61 -10.11
CA ASN B 147 14.58 -3.15 -11.07
C ASN B 147 14.91 -3.68 -12.46
N LEU B 148 13.94 -4.35 -13.07
CA LEU B 148 14.07 -4.94 -14.40
C LEU B 148 15.31 -5.83 -14.49
N ILE B 149 15.56 -6.61 -13.44
CA ILE B 149 16.80 -7.38 -13.37
C ILE B 149 16.86 -8.43 -14.48
N GLU B 150 15.71 -8.98 -14.89
CA GLU B 150 15.70 -9.94 -15.98
C GLU B 150 16.25 -9.33 -17.26
N ILE B 151 15.87 -8.07 -17.53
CA ILE B 151 16.34 -7.39 -18.74
C ILE B 151 17.83 -7.13 -18.66
N LYS B 152 18.31 -6.65 -17.51
CA LYS B 152 19.74 -6.44 -17.34
C LYS B 152 20.52 -7.74 -17.52
N GLU B 153 20.01 -8.84 -16.95
CA GLU B 153 20.76 -10.09 -17.04
C GLU B 153 20.86 -10.58 -18.48
N LEU B 154 19.80 -10.43 -19.25
CA LEU B 154 19.77 -11.00 -20.59
C LEU B 154 20.28 -10.06 -21.68
N THR B 155 20.23 -8.74 -21.46
CA THR B 155 20.71 -7.80 -22.47
C THR B 155 21.97 -7.06 -22.08
N GLY B 156 22.33 -7.05 -20.79
CA GLY B 156 23.43 -6.26 -20.31
C GLY B 156 23.15 -4.78 -20.13
N GLN B 157 21.94 -4.31 -20.47
CA GLN B 157 21.60 -2.91 -20.34
C GLN B 157 20.69 -2.67 -19.14
N GLY B 158 20.85 -1.53 -18.52
CA GLY B 158 20.05 -1.15 -17.37
C GLY B 158 20.83 -0.17 -16.53
N LEU B 159 20.10 0.60 -15.73
CA LEU B 159 20.73 1.57 -14.84
C LEU B 159 21.35 0.86 -13.65
N ASN B 160 22.34 1.50 -13.05
CA ASN B 160 22.85 1.10 -11.76
C ASN B 160 22.08 1.85 -10.69
N TYR B 161 21.38 1.13 -9.83
CA TYR B 161 20.48 1.74 -8.87
C TYR B 161 21.08 1.71 -7.47
N TRP B 162 20.85 2.78 -6.72
CA TRP B 162 21.15 2.79 -5.29
C TRP B 162 20.24 1.82 -4.55
N ASN B 163 20.79 1.19 -3.51
CA ASN B 163 19.95 0.38 -2.64
C ASN B 163 19.42 1.23 -1.49
N LEU B 164 18.68 0.59 -0.59
CA LEU B 164 18.00 1.32 0.47
C LEU B 164 19.00 1.98 1.41
N GLU B 165 20.11 1.28 1.71
CA GLU B 165 21.10 1.84 2.62
C GLU B 165 21.84 3.02 2.00
N ASN B 166 22.12 2.94 0.69
CA ASN B 166 22.66 4.10 -0.02
C ASN B 166 21.78 5.32 0.21
N TRP B 167 20.46 5.16 0.04
CA TRP B 167 19.55 6.29 0.24
C TRP B 167 19.55 6.75 1.69
N ASN B 168 19.47 5.81 2.64
CA ASN B 168 19.51 6.18 4.06
C ASN B 168 20.73 7.03 4.36
N SER B 169 21.90 6.62 3.87
CA SER B 169 23.13 7.37 4.11
C SER B 169 23.07 8.75 3.46
N ALA B 170 22.73 8.79 2.16
CA ALA B 170 22.76 10.06 1.45
C ALA B 170 21.74 11.05 1.99
N LEU B 171 20.56 10.58 2.39
CA LEU B 171 19.55 11.48 2.95
C LEU B 171 20.03 12.07 4.26
N THR B 172 20.65 11.24 5.10
CA THR B 172 21.14 11.69 6.39
C THR B 172 22.23 12.75 6.23
N GLN B 173 23.18 12.52 5.31
CA GLN B 173 24.24 13.49 5.07
C GLN B 173 23.72 14.76 4.41
N ALA B 174 22.62 14.67 3.66
CA ALA B 174 22.01 15.85 3.07
C ALA B 174 21.16 16.64 4.06
N GLY B 175 20.97 16.10 5.27
CA GLY B 175 20.27 16.84 6.31
C GLY B 175 18.80 16.54 6.42
N PHE B 176 18.38 15.33 6.05
CA PHE B 176 16.97 14.97 6.06
C PHE B 176 16.68 13.96 7.17
N GLU B 177 15.49 14.11 7.76
CA GLU B 177 14.91 13.14 8.68
C GLU B 177 14.06 12.16 7.89
N ILE B 178 14.27 10.86 8.10
CA ILE B 178 13.55 9.83 7.36
C ILE B 178 12.27 9.48 8.12
N LEU B 179 11.12 9.79 7.53
CA LEU B 179 9.86 9.33 8.10
C LEU B 179 9.40 8.00 7.53
N HIS B 180 9.75 7.72 6.28
CA HIS B 180 9.40 6.45 5.63
C HIS B 180 10.49 6.15 4.61
N LEU B 181 11.01 4.93 4.63
CA LEU B 181 11.94 4.50 3.60
C LEU B 181 11.76 3.02 3.40
N ALA B 182 11.29 2.61 2.22
CA ALA B 182 10.92 1.22 2.00
C ALA B 182 11.30 0.79 0.59
N GLN B 183 11.59 -0.49 0.44
CA GLN B 183 11.78 -1.07 -0.87
C GLN B 183 10.72 -2.12 -1.10
N SER B 184 10.17 -2.14 -2.30
CA SER B 184 9.20 -3.14 -2.68
C SER B 184 9.76 -3.87 -3.90
N GLU B 185 9.52 -5.16 -3.97
CA GLU B 185 9.97 -5.98 -5.09
C GLU B 185 8.77 -6.76 -5.60
N THR B 186 8.34 -6.48 -6.82
CA THR B 186 7.17 -7.13 -7.40
C THR B 186 7.61 -7.89 -8.63
N GLN B 187 7.28 -9.18 -8.68
CA GLN B 187 7.45 -9.98 -9.90
C GLN B 187 6.12 -10.05 -10.61
N LEU B 188 6.09 -9.52 -11.84
CA LEU B 188 4.97 -9.74 -12.74
C LEU B 188 5.23 -11.01 -13.55
N TYR B 189 4.21 -11.87 -13.66
CA TYR B 189 4.36 -13.16 -14.34
C TYR B 189 3.62 -13.13 -15.67
N PHE B 190 4.38 -13.06 -16.75
CA PHE B 190 3.83 -12.97 -18.09
C PHE B 190 3.68 -14.35 -18.70
N ASP B 191 2.73 -14.48 -19.63
CA ASP B 191 2.44 -15.81 -20.18
C ASP B 191 3.56 -16.32 -21.07
N SER B 192 4.31 -15.41 -21.70
CA SER B 192 5.40 -15.81 -22.59
C SER B 192 6.41 -14.68 -22.61
N PRO B 193 7.68 -14.99 -22.92
CA PRO B 193 8.69 -13.94 -23.03
C PRO B 193 8.31 -12.80 -23.98
N LYS B 194 7.63 -13.09 -25.09
CA LYS B 194 7.26 -12.02 -26.00
C LYS B 194 6.29 -11.04 -25.34
N ALA B 195 5.48 -11.52 -24.39
CA ALA B 195 4.57 -10.63 -23.67
C ALA B 195 5.35 -9.64 -22.79
N VAL B 196 6.54 -10.02 -22.35
CA VAL B 196 7.37 -9.11 -21.55
C VAL B 196 7.83 -7.93 -22.40
N LEU B 197 8.27 -8.21 -23.62
CA LEU B 197 8.77 -7.14 -24.47
C LEU B 197 7.63 -6.25 -24.94
N GLN B 198 6.46 -6.84 -25.24
CA GLN B 198 5.28 -6.04 -25.58
C GLN B 198 4.92 -5.09 -24.45
N HIS B 199 5.01 -5.57 -23.20
CA HIS B 199 4.74 -4.72 -22.04
C HIS B 199 5.72 -3.56 -21.94
N LEU B 200 7.01 -3.84 -22.12
CA LEU B 200 8.01 -2.78 -22.04
C LEU B 200 7.86 -1.80 -23.19
N LYS B 201 7.56 -2.29 -24.40
CA LYS B 201 7.32 -1.38 -25.53
C LYS B 201 6.12 -0.48 -25.25
N ALA B 202 5.04 -1.05 -24.71
CA ALA B 202 3.82 -0.28 -24.49
C ALA B 202 4.02 0.77 -23.40
N THR B 203 4.67 0.40 -22.30
CA THR B 203 4.79 1.32 -21.17
C THR B 203 5.93 2.32 -21.33
N GLY B 204 6.63 2.31 -22.46
CA GLY B 204 7.67 3.28 -22.72
C GLY B 204 8.93 3.09 -21.90
N VAL B 205 9.33 1.85 -21.67
CA VAL B 205 10.50 1.56 -20.86
C VAL B 205 11.69 1.17 -21.73
N HIS B 211 12.53 0.13 -30.19
CA HIS B 211 12.91 -0.19 -31.56
C HIS B 211 13.01 -1.69 -31.77
N ARG B 212 12.83 -2.11 -33.03
CA ARG B 212 12.87 -3.53 -33.36
C ARG B 212 14.27 -4.09 -33.09
N TRP B 213 14.30 -5.27 -32.47
CA TRP B 213 15.51 -6.06 -32.35
C TRP B 213 15.65 -7.01 -33.52
N THR B 214 16.87 -7.46 -33.75
CA THR B 214 17.12 -8.46 -34.77
C THR B 214 16.48 -9.79 -34.39
N LYS B 215 16.23 -10.62 -35.41
CA LYS B 215 15.58 -11.91 -35.19
C LYS B 215 16.44 -12.81 -34.31
N GLN B 216 17.76 -12.77 -34.49
CA GLN B 216 18.64 -13.61 -33.67
C GLN B 216 18.62 -13.17 -32.22
N SER B 217 18.75 -11.86 -31.97
CA SER B 217 18.69 -11.35 -30.60
C SER B 217 17.37 -11.72 -29.95
N LEU B 218 16.27 -11.59 -30.70
CA LEU B 218 14.95 -11.90 -30.15
C LEU B 218 14.85 -13.37 -29.76
N GLN B 219 15.29 -14.26 -30.66
CA GLN B 219 15.19 -15.70 -30.40
C GLN B 219 16.06 -16.10 -29.23
N GLN B 220 17.28 -15.55 -29.14
CA GLN B 220 18.13 -15.84 -27.99
C GLN B 220 17.49 -15.33 -26.70
N PHE B 221 16.90 -14.13 -26.75
CA PHE B 221 16.23 -13.57 -25.58
C PHE B 221 15.08 -14.46 -25.11
N TYR B 222 14.25 -14.94 -26.04
CA TYR B 222 13.13 -15.81 -25.67
C TYR B 222 13.61 -17.11 -25.04
N GLN B 223 14.65 -17.70 -25.62
CA GLN B 223 15.18 -18.95 -25.10
C GLN B 223 15.83 -18.74 -23.73
N ASP B 224 16.64 -17.68 -23.60
CA ASP B 224 17.28 -17.41 -22.31
C ASP B 224 16.27 -17.07 -21.22
N TYR B 225 15.07 -16.61 -21.59
CA TYR B 225 14.09 -16.22 -20.58
C TYR B 225 13.50 -17.43 -19.87
N ASP B 226 13.80 -18.64 -20.33
CA ASP B 226 13.40 -19.85 -19.61
C ASP B 226 13.93 -19.84 -18.17
N ARG B 227 15.05 -19.17 -17.92
CA ARG B 227 15.61 -19.16 -16.57
C ARG B 227 14.73 -18.40 -15.58
N PHE B 228 13.79 -17.60 -16.08
CA PHE B 228 12.86 -16.83 -15.26
C PHE B 228 11.45 -17.39 -15.29
N LYS B 229 11.29 -18.65 -15.72
CA LYS B 229 9.96 -19.25 -15.80
C LYS B 229 9.56 -19.78 -14.43
N HIS B 230 8.34 -19.41 -14.00
CA HIS B 230 7.74 -19.85 -12.76
C HIS B 230 6.45 -20.59 -13.10
N THR B 231 5.81 -21.17 -12.08
CA THR B 231 4.51 -21.80 -12.29
C THR B 231 3.51 -20.80 -12.85
N GLU B 232 3.59 -19.55 -12.39
CA GLU B 232 2.66 -18.50 -12.81
C GLU B 232 3.00 -17.89 -14.16
N GLY B 233 4.22 -18.06 -14.64
CA GLY B 233 4.64 -17.41 -15.85
C GLY B 233 6.08 -16.95 -15.77
N TYR B 234 6.44 -16.07 -16.71
CA TYR B 234 7.81 -15.58 -16.85
C TYR B 234 7.93 -14.26 -16.12
N SER B 235 8.86 -14.18 -15.17
CA SER B 235 8.94 -13.03 -14.27
C SER B 235 9.52 -11.79 -14.95
N LEU B 236 8.94 -10.64 -14.62
CA LEU B 236 9.55 -9.34 -14.84
C LEU B 236 9.51 -8.59 -13.51
N THR B 237 10.66 -8.11 -13.05
CA THR B 237 10.74 -7.55 -11.70
C THR B 237 10.73 -6.03 -11.74
N TYR B 238 9.90 -5.42 -10.89
CA TYR B 238 9.97 -3.99 -10.62
C TYR B 238 10.38 -3.86 -9.17
N HIS B 239 11.22 -2.88 -8.89
CA HIS B 239 11.86 -2.73 -7.58
C HIS B 239 11.76 -1.29 -7.08
N PRO B 240 10.54 -0.76 -6.90
CA PRO B 240 10.42 0.65 -6.48
C PRO B 240 10.87 0.87 -5.05
N ILE B 241 11.43 2.05 -4.82
CA ILE B 241 11.78 2.52 -3.49
C ILE B 241 10.87 3.72 -3.21
N TYR B 242 10.29 3.76 -2.01
CA TYR B 242 9.41 4.86 -1.61
C TYR B 242 10.01 5.55 -0.39
N CYS B 243 9.94 6.88 -0.36
CA CYS B 243 10.57 7.62 0.72
C CYS B 243 9.78 8.86 1.08
N ILE B 244 9.48 9.02 2.37
CA ILE B 244 8.99 10.29 2.92
C ILE B 244 10.06 10.81 3.88
N ALA B 245 10.58 12.01 3.61
CA ALA B 245 11.65 12.59 4.41
C ALA B 245 11.32 14.05 4.75
N ARG B 246 12.07 14.60 5.71
CA ARG B 246 11.83 15.94 6.22
C ARG B 246 13.15 16.66 6.50
N ARG B 247 13.23 17.92 6.08
CA ARG B 247 14.37 18.75 6.46
C ARG B 247 14.47 18.83 7.97
N MET B 248 15.61 18.40 8.50
CA MET B 248 15.80 18.36 9.95
C MET B 248 16.42 19.65 10.47
#